data_7UE5
#
_entry.id   7UE5
#
_cell.length_a   98.012
_cell.length_b   98.012
_cell.length_c   69.234
_cell.angle_alpha   90.000
_cell.angle_beta   90.000
_cell.angle_gamma   120.000
#
_symmetry.space_group_name_H-M   'P 31 2 1'
#
loop_
_entity.id
_entity.type
_entity.pdbx_description
1 polymer 'Pantothenate kinase 3'
2 non-polymer 6-[4-({4-[(2R)-1,1,1-trifluoropropan-2-yl]phenyl}acetyl)piperazin-1-yl]pyridazine-3-carbonitrile
3 non-polymer 6-[4-({4-[(2S)-1,1,1-trifluoropropan-2-yl]phenyl}acetyl)piperazin-1-yl]pyridazine-3-carbonitrile
4 non-polymer 'PHOSPHOAMINOPHOSPHONIC ACID-ADENYLATE ESTER'
5 non-polymer 'MAGNESIUM ION'
6 water water
#
_entity_poly.entity_id   1
_entity_poly.type   'polypeptide(L)'
_entity_poly.pdbx_seq_one_letter_code
;MGSSHHHHHHSSGLVPRGSPWFGMDIGGTLVKLSYFEPIDITAEEEQEEVESLKSIRKYLTSNVAYGSTGIRDVHLELKD
LTLFGRRGNLHFIRFPTQDLPTFIQMGRDKNFSTLQTVLCATGGGAYKFEKDFRTIGNLHLHKLDELDCLVKGLLYIDSV
SFNGQAECYYFANASEPERCQKMPFNLDDPYPLLVVNIGSGVSILAVHSKDNYKRVTGTSLGGGTFLGLCSLLTGCESFE
EALEMASKGDSTQADKLVRDIYGGDYERFGLPGWAVASSFGNMIYKEKRESVSKEDLARATLVTITNNIGSVARMCAVNE
KINRVVFVGNFLRVNTLSMKLLAYALDYWSKGQLKALFLEHEGYFGAVGALLGLPNFSDD
;
_entity_poly.pdbx_strand_id   A
#
loop_
_chem_comp.id
_chem_comp.type
_chem_comp.name
_chem_comp.formula
ANP non-polymer 'PHOSPHOAMINOPHOSPHONIC ACID-ADENYLATE ESTER' 'C10 H17 N6 O12 P3'
MG non-polymer 'MAGNESIUM ION' 'Mg 2'
Y88 non-polymer 6-[4-({4-[(2R)-1,1,1-trifluoropropan-2-yl]phenyl}acetyl)piperazin-1-yl]pyridazine-3-carbonitrile 'C20 H20 F3 N5 O'
Y99 non-polymer 6-[4-({4-[(2S)-1,1,1-trifluoropropan-2-yl]phenyl}acetyl)piperazin-1-yl]pyridazine-3-carbonitrile 'C20 H20 F3 N5 O'
#
# COMPACT_ATOMS: atom_id res chain seq x y z
N SER A 19 11.60 -5.59 -26.26
CA SER A 19 11.91 -5.00 -24.95
C SER A 19 11.23 -5.79 -23.83
N PRO A 20 11.83 -5.80 -22.65
CA PRO A 20 11.16 -6.39 -21.49
C PRO A 20 9.89 -5.62 -21.14
N TRP A 21 8.93 -6.33 -20.56
CA TRP A 21 7.63 -5.75 -20.22
C TRP A 21 7.65 -5.37 -18.75
N PHE A 22 7.72 -4.06 -18.47
CA PHE A 22 7.75 -3.47 -17.14
C PHE A 22 6.57 -2.53 -16.97
N GLY A 23 6.12 -2.38 -15.75
CA GLY A 23 5.38 -1.18 -15.34
C GLY A 23 5.98 -0.64 -14.06
N MET A 24 6.02 0.69 -13.93
CA MET A 24 6.70 1.30 -12.80
C MET A 24 5.81 2.36 -12.19
N ASP A 25 5.75 2.35 -10.86
CA ASP A 25 5.04 3.37 -10.08
C ASP A 25 6.09 4.02 -9.19
N ILE A 26 6.47 5.27 -9.49
CA ILE A 26 7.49 5.98 -8.75
C ILE A 26 6.78 6.87 -7.76
N GLY A 27 6.69 6.43 -6.51
CA GLY A 27 6.03 7.19 -5.47
C GLY A 27 6.97 8.13 -4.75
N GLY A 28 6.40 8.86 -3.78
CA GLY A 28 7.22 9.76 -2.97
C GLY A 28 8.24 9.03 -2.12
N THR A 29 7.98 7.76 -1.79
CA THR A 29 8.85 6.99 -0.92
C THR A 29 9.42 5.75 -1.60
N LEU A 30 8.58 4.96 -2.27
CA LEU A 30 9.00 3.70 -2.86
C LEU A 30 8.71 3.68 -4.35
N VAL A 31 9.63 3.05 -5.10
CA VAL A 31 9.38 2.68 -6.48
C VAL A 31 8.87 1.25 -6.48
N LYS A 32 7.77 1.02 -7.19
CA LYS A 32 7.23 -0.32 -7.38
C LYS A 32 7.36 -0.69 -8.84
N LEU A 33 7.82 -1.92 -9.09
CA LEU A 33 8.07 -2.37 -10.44
C LEU A 33 7.36 -3.69 -10.63
N SER A 34 6.55 -3.82 -11.68
CA SER A 34 5.97 -5.09 -12.08
C SER A 34 6.66 -5.55 -13.35
N TYR A 35 7.13 -6.80 -13.35
CA TYR A 35 7.91 -7.32 -14.46
C TYR A 35 7.30 -8.63 -14.92
N PHE A 36 6.98 -8.72 -16.21
CA PHE A 36 6.44 -9.96 -16.79
C PHE A 36 7.58 -10.79 -17.38
N GLU A 37 7.82 -11.96 -16.78
CA GLU A 37 8.84 -12.89 -17.27
C GLU A 37 8.18 -13.90 -18.21
N PRO A 38 8.44 -13.86 -19.51
CA PRO A 38 7.86 -14.88 -20.40
C PRO A 38 8.41 -16.25 -20.08
N ILE A 39 7.54 -17.26 -20.11
CA ILE A 39 7.94 -18.64 -19.86
C ILE A 39 7.63 -19.53 -21.04
N ASP A 40 7.19 -18.96 -22.16
CA ASP A 40 6.88 -19.70 -23.36
C ASP A 40 7.85 -19.37 -24.50
N ILE A 41 9.10 -19.06 -24.15
CA ILE A 41 10.09 -18.68 -25.16
C ILE A 41 10.45 -19.90 -25.98
N THR A 42 10.32 -19.78 -27.30
CA THR A 42 10.65 -20.88 -28.20
C THR A 42 12.16 -20.96 -28.42
N ALA A 43 12.59 -22.05 -29.05
CA ALA A 43 14.00 -22.20 -29.37
C ALA A 43 14.48 -21.09 -30.30
N GLU A 44 13.65 -20.70 -31.27
CA GLU A 44 14.03 -19.62 -32.19
C GLU A 44 14.03 -18.26 -31.48
N GLU A 45 13.10 -18.06 -30.55
CA GLU A 45 13.07 -16.79 -29.84
C GLU A 45 14.29 -16.62 -28.95
N GLU A 46 14.73 -17.72 -28.32
CA GLU A 46 15.90 -17.68 -27.46
C GLU A 46 17.15 -17.30 -28.26
N GLN A 47 17.24 -17.78 -29.50
CA GLN A 47 18.36 -17.41 -30.37
C GLN A 47 18.37 -15.91 -30.63
N GLU A 48 17.21 -15.35 -30.99
CA GLU A 48 17.11 -13.94 -31.35
C GLU A 48 17.14 -13.02 -30.14
N GLU A 49 17.22 -13.57 -28.93
CA GLU A 49 17.20 -12.82 -27.68
C GLU A 49 18.57 -12.22 -27.42
N VAL A 50 18.66 -10.88 -27.40
CA VAL A 50 19.96 -10.23 -27.32
C VAL A 50 20.55 -10.36 -25.93
N GLU A 51 21.89 -10.33 -25.86
CA GLU A 51 22.61 -10.70 -24.65
C GLU A 51 22.25 -9.82 -23.46
N SER A 52 22.21 -8.50 -23.67
CA SER A 52 21.83 -7.60 -22.59
C SER A 52 20.46 -7.97 -22.02
N LEU A 53 19.54 -8.38 -22.89
CA LEU A 53 18.20 -8.74 -22.43
C LEU A 53 18.22 -10.06 -21.67
N LYS A 54 19.05 -11.02 -22.09
CA LYS A 54 19.14 -12.24 -21.30
C LYS A 54 19.78 -11.95 -19.95
N SER A 55 20.76 -11.04 -19.93
CA SER A 55 21.38 -10.67 -18.66
C SER A 55 20.36 -10.08 -17.68
N ILE A 56 19.44 -9.25 -18.18
CA ILE A 56 18.45 -8.63 -17.29
C ILE A 56 17.47 -9.67 -16.76
N ARG A 57 16.99 -10.56 -17.64
CA ARG A 57 16.04 -11.56 -17.19
C ARG A 57 16.66 -12.50 -16.17
N LYS A 58 17.90 -12.94 -16.43
CA LYS A 58 18.57 -13.82 -15.49
C LYS A 58 18.86 -13.09 -14.17
N TYR A 59 19.27 -11.81 -14.26
CA TYR A 59 19.52 -11.03 -13.05
C TYR A 59 18.28 -10.91 -12.20
N LEU A 60 17.14 -10.59 -12.82
CA LEU A 60 15.91 -10.38 -12.07
C LEU A 60 15.36 -11.68 -11.50
N THR A 61 15.45 -12.79 -12.25
CA THR A 61 14.84 -14.04 -11.80
C THR A 61 15.76 -14.90 -10.94
N SER A 62 17.07 -14.63 -10.91
CA SER A 62 17.98 -15.42 -10.10
C SER A 62 18.36 -14.73 -8.79
N ASN A 63 17.87 -13.52 -8.54
CA ASN A 63 18.14 -12.81 -7.31
C ASN A 63 16.82 -12.37 -6.69
N VAL A 64 16.79 -12.32 -5.35
CA VAL A 64 15.66 -11.76 -4.64
C VAL A 64 15.99 -10.44 -3.96
N ALA A 65 17.27 -10.15 -3.76
CA ALA A 65 17.74 -8.84 -3.34
C ALA A 65 18.55 -8.25 -4.47
N TYR A 66 18.31 -6.98 -4.78
CA TYR A 66 19.02 -6.30 -5.86
C TYR A 66 19.82 -5.16 -5.25
N GLY A 67 21.15 -5.23 -5.35
CA GLY A 67 21.93 -4.23 -4.65
C GLY A 67 21.66 -4.30 -3.16
N SER A 68 21.73 -3.14 -2.51
CA SER A 68 21.54 -3.05 -1.08
C SER A 68 20.12 -2.72 -0.67
N THR A 69 19.26 -2.26 -1.60
CA THR A 69 17.93 -1.81 -1.19
C THR A 69 16.77 -2.30 -2.05
N GLY A 70 17.03 -3.07 -3.11
CA GLY A 70 15.94 -3.59 -3.92
C GLY A 70 15.53 -4.98 -3.44
N ILE A 71 14.23 -5.24 -3.48
CA ILE A 71 13.68 -6.50 -2.99
C ILE A 71 12.65 -7.02 -3.99
N ARG A 72 12.71 -8.31 -4.29
CA ARG A 72 11.62 -8.96 -5.01
C ARG A 72 10.72 -9.65 -3.99
N ASP A 73 9.43 -9.31 -4.02
CA ASP A 73 8.45 -9.95 -3.13
C ASP A 73 8.00 -11.26 -3.78
N VAL A 74 8.80 -12.30 -3.57
CA VAL A 74 8.59 -13.57 -4.25
C VAL A 74 7.22 -14.17 -3.92
N HIS A 75 6.73 -13.97 -2.70
CA HIS A 75 5.47 -14.59 -2.31
C HIS A 75 4.28 -14.03 -3.09
N LEU A 76 4.44 -12.86 -3.72
CA LEU A 76 3.36 -12.24 -4.50
C LEU A 76 3.33 -12.66 -5.96
N GLU A 77 4.35 -13.39 -6.44
CA GLU A 77 4.46 -13.74 -7.85
C GLU A 77 3.20 -14.41 -8.35
N LEU A 78 2.71 -13.96 -9.50
CA LEU A 78 1.63 -14.62 -10.21
C LEU A 78 2.25 -15.53 -11.24
N LYS A 79 1.97 -16.83 -11.13
CA LYS A 79 2.63 -17.81 -11.98
C LYS A 79 1.71 -18.20 -13.13
N ASP A 80 2.31 -18.35 -14.31
CA ASP A 80 1.63 -18.84 -15.51
C ASP A 80 0.42 -17.97 -15.85
N LEU A 81 0.65 -16.66 -15.82
CA LEU A 81 -0.33 -15.67 -16.24
C LEU A 81 -0.27 -15.51 -17.76
N THR A 82 -1.43 -15.40 -18.39
CA THR A 82 -1.49 -15.08 -19.81
C THR A 82 -1.70 -13.57 -19.94
N LEU A 83 -0.73 -12.89 -20.56
CA LEU A 83 -0.76 -11.45 -20.69
C LEU A 83 -0.27 -11.09 -22.09
N PHE A 84 -1.06 -10.27 -22.79
CA PHE A 84 -0.73 -9.83 -24.14
C PHE A 84 -0.46 -11.02 -25.06
N GLY A 85 -1.20 -12.10 -24.85
CA GLY A 85 -1.10 -13.29 -25.69
C GLY A 85 0.08 -14.19 -25.40
N ARG A 86 0.86 -13.92 -24.35
CA ARG A 86 1.97 -14.76 -23.95
C ARG A 86 1.74 -15.27 -22.54
N ARG A 87 2.35 -16.40 -22.23
CA ARG A 87 2.30 -16.91 -20.86
C ARG A 87 3.59 -16.53 -20.13
N GLY A 88 3.46 -16.19 -18.86
CA GLY A 88 4.64 -15.82 -18.12
C GLY A 88 4.34 -15.70 -16.64
N ASN A 89 5.35 -15.26 -15.91
CA ASN A 89 5.23 -15.01 -14.48
C ASN A 89 5.28 -13.52 -14.25
N LEU A 90 4.41 -13.02 -13.40
CA LEU A 90 4.38 -11.60 -13.06
C LEU A 90 5.09 -11.39 -11.73
N HIS A 91 6.16 -10.59 -11.73
CA HIS A 91 6.99 -10.38 -10.56
C HIS A 91 6.75 -8.99 -10.00
N PHE A 92 6.98 -8.85 -8.69
CA PHE A 92 6.70 -7.61 -7.97
C PHE A 92 7.96 -7.21 -7.21
N ILE A 93 8.50 -6.02 -7.52
CA ILE A 93 9.81 -5.58 -7.06
C ILE A 93 9.69 -4.17 -6.52
N ARG A 94 10.42 -3.86 -5.44
CA ARG A 94 10.36 -2.53 -4.85
C ARG A 94 11.73 -2.06 -4.39
N PHE A 95 11.92 -0.74 -4.40
CA PHE A 95 13.13 -0.14 -3.87
C PHE A 95 12.84 1.32 -3.54
N PRO A 96 13.67 1.96 -2.73
CA PRO A 96 13.37 3.34 -2.32
C PRO A 96 13.55 4.31 -3.49
N THR A 97 12.64 5.28 -3.56
CA THR A 97 12.76 6.31 -4.59
C THR A 97 14.08 7.07 -4.46
N GLN A 98 14.60 7.18 -3.24
CA GLN A 98 15.92 7.78 -3.02
C GLN A 98 17.01 7.10 -3.85
N ASP A 99 16.83 5.82 -4.18
CA ASP A 99 17.83 5.08 -4.93
C ASP A 99 17.52 5.00 -6.43
N LEU A 100 16.52 5.72 -6.90
CA LEU A 100 16.25 5.73 -8.34
C LEU A 100 17.47 6.17 -9.15
N PRO A 101 18.31 7.12 -8.72
CA PRO A 101 19.53 7.40 -9.50
C PRO A 101 20.42 6.18 -9.73
N THR A 102 20.58 5.32 -8.73
CA THR A 102 21.30 4.07 -8.95
C THR A 102 20.62 3.22 -10.02
N PHE A 103 19.29 3.11 -9.93
CA PHE A 103 18.54 2.31 -10.91
C PHE A 103 18.75 2.85 -12.33
N ILE A 104 18.66 4.17 -12.49
CA ILE A 104 18.83 4.76 -13.81
C ILE A 104 20.27 4.61 -14.30
N GLN A 105 21.24 4.72 -13.38
CA GLN A 105 22.64 4.59 -13.77
C GLN A 105 22.94 3.17 -14.25
N MET A 106 22.40 2.16 -13.57
CA MET A 106 22.55 0.80 -14.07
C MET A 106 21.88 0.63 -15.42
N GLY A 107 20.69 1.23 -15.60
CA GLY A 107 20.05 1.17 -16.90
C GLY A 107 20.90 1.77 -18.00
N ARG A 108 21.64 2.83 -17.68
CA ARG A 108 22.51 3.47 -18.67
C ARG A 108 23.76 2.63 -18.98
N ASP A 109 24.11 1.68 -18.12
CA ASP A 109 25.27 0.84 -18.38
C ASP A 109 25.06 -0.03 -19.62
N THR A 117 13.16 0.31 -26.02
CA THR A 117 12.62 0.08 -24.69
C THR A 117 11.54 1.13 -24.36
N VAL A 118 10.36 0.65 -23.99
CA VAL A 118 9.21 1.50 -23.73
C VAL A 118 8.84 1.35 -22.27
N LEU A 119 8.89 2.44 -21.51
CA LEU A 119 8.63 2.36 -20.08
C LEU A 119 7.33 3.09 -19.80
N CYS A 120 6.33 2.34 -19.37
CA CYS A 120 5.09 2.93 -18.89
C CYS A 120 5.25 3.17 -17.39
N ALA A 121 5.08 4.43 -16.99
CA ALA A 121 5.41 4.84 -15.63
C ALA A 121 4.33 5.73 -15.07
N THR A 122 4.06 5.56 -13.78
CA THR A 122 3.06 6.35 -13.08
C THR A 122 3.63 6.80 -11.74
N GLY A 123 2.78 7.40 -10.91
CA GLY A 123 3.23 8.07 -9.70
C GLY A 123 3.80 9.45 -10.00
N GLY A 124 3.95 10.24 -8.93
CA GLY A 124 4.52 11.57 -9.11
C GLY A 124 5.90 11.56 -9.73
N GLY A 125 6.68 10.50 -9.47
CA GLY A 125 8.03 10.43 -10.01
C GLY A 125 8.11 10.25 -11.51
N ALA A 126 7.04 9.76 -12.13
CA ALA A 126 7.01 9.72 -13.59
C ALA A 126 7.15 11.11 -14.18
N TYR A 127 6.61 12.12 -13.50
CA TYR A 127 6.78 13.51 -13.90
C TYR A 127 8.09 14.09 -13.37
N LYS A 128 8.33 13.92 -12.06
CA LYS A 128 9.49 14.55 -11.44
C LYS A 128 10.79 14.10 -12.08
N PHE A 129 10.89 12.81 -12.42
CA PHE A 129 12.13 12.26 -12.94
C PHE A 129 12.05 11.96 -14.43
N GLU A 130 11.09 12.57 -15.13
CA GLU A 130 10.97 12.36 -16.57
C GLU A 130 12.29 12.61 -17.30
N LYS A 131 12.95 13.72 -16.98
CA LYS A 131 14.19 14.07 -17.68
C LYS A 131 15.31 13.07 -17.36
N ASP A 132 15.27 12.48 -16.18
CA ASP A 132 16.30 11.50 -15.81
C ASP A 132 16.10 10.19 -16.58
N PHE A 133 14.86 9.75 -16.73
CA PHE A 133 14.63 8.56 -17.53
C PHE A 133 15.07 8.77 -18.97
N ARG A 134 14.98 10.01 -19.46
CA ARG A 134 15.35 10.26 -20.84
C ARG A 134 16.86 10.28 -21.06
N THR A 135 17.67 10.19 -19.99
CA THR A 135 19.11 10.00 -20.18
C THR A 135 19.44 8.61 -20.71
N ILE A 136 18.49 7.68 -20.64
CA ILE A 136 18.65 6.37 -21.26
C ILE A 136 18.35 6.53 -22.74
N GLY A 137 19.36 6.36 -23.58
CA GLY A 137 19.23 6.60 -25.01
C GLY A 137 18.06 5.87 -25.64
N ASN A 138 17.27 6.62 -26.43
CA ASN A 138 16.15 6.11 -27.21
C ASN A 138 15.04 5.54 -26.36
N LEU A 139 15.11 5.69 -25.03
CA LEU A 139 14.04 5.22 -24.16
C LEU A 139 12.79 6.04 -24.40
N HIS A 140 11.65 5.36 -24.50
CA HIS A 140 10.36 6.02 -24.67
C HIS A 140 9.62 5.94 -23.34
N LEU A 141 9.45 7.08 -22.69
CA LEU A 141 8.74 7.16 -21.42
C LEU A 141 7.30 7.59 -21.67
N HIS A 142 6.35 6.83 -21.15
CA HIS A 142 4.94 7.15 -21.27
C HIS A 142 4.39 7.32 -19.88
N LYS A 143 4.06 8.57 -19.53
CA LYS A 143 3.54 8.87 -18.20
C LYS A 143 2.04 8.61 -18.15
N LEU A 144 1.61 7.83 -17.14
CA LEU A 144 0.22 7.45 -16.95
C LEU A 144 -0.24 7.90 -15.57
N ASP A 145 -1.54 8.19 -15.45
CA ASP A 145 -2.04 8.81 -14.22
C ASP A 145 -2.06 7.80 -13.08
N GLU A 146 -1.65 8.25 -11.89
CA GLU A 146 -1.41 7.33 -10.79
C GLU A 146 -2.70 6.73 -10.26
N LEU A 147 -3.81 7.44 -10.37
CA LEU A 147 -5.05 6.84 -9.88
C LEU A 147 -5.79 6.05 -10.97
N ASP A 148 -5.64 6.43 -12.26
CA ASP A 148 -6.06 5.55 -13.34
C ASP A 148 -5.37 4.20 -13.26
N CYS A 149 -4.05 4.21 -13.01
CA CYS A 149 -3.28 2.97 -13.02
C CYS A 149 -3.66 2.11 -11.81
N LEU A 150 -3.89 2.77 -10.66
CA LEU A 150 -4.31 2.05 -9.45
C LEU A 150 -5.61 1.28 -9.69
N VAL A 151 -6.63 1.96 -10.23
CA VAL A 151 -7.92 1.30 -10.43
C VAL A 151 -7.79 0.15 -11.41
N LYS A 152 -7.09 0.37 -12.53
CA LYS A 152 -6.93 -0.66 -13.54
C LYS A 152 -6.16 -1.86 -13.01
N GLY A 153 -5.10 -1.61 -12.23
CA GLY A 153 -4.31 -2.71 -11.71
C GLY A 153 -5.06 -3.50 -10.65
N LEU A 154 -5.79 -2.80 -9.78
CA LEU A 154 -6.59 -3.44 -8.75
C LEU A 154 -7.64 -4.35 -9.37
N LEU A 155 -8.38 -3.83 -10.34
CA LEU A 155 -9.42 -4.63 -10.98
C LEU A 155 -8.83 -5.80 -11.74
N TYR A 156 -7.66 -5.61 -12.36
CA TYR A 156 -7.03 -6.69 -13.12
C TYR A 156 -6.58 -7.82 -12.21
N ILE A 157 -5.85 -7.50 -11.14
CA ILE A 157 -5.31 -8.54 -10.27
C ILE A 157 -6.44 -9.31 -9.61
N ASP A 158 -7.48 -8.63 -9.17
CA ASP A 158 -8.60 -9.39 -8.60
C ASP A 158 -9.22 -10.31 -9.64
N SER A 159 -9.30 -9.85 -10.89
CA SER A 159 -9.92 -10.64 -11.94
C SER A 159 -9.15 -11.91 -12.24
N VAL A 160 -7.81 -11.84 -12.23
CA VAL A 160 -7.03 -13.03 -12.59
C VAL A 160 -6.82 -13.98 -11.41
N SER A 161 -7.12 -13.52 -10.19
CA SER A 161 -6.91 -14.25 -8.94
C SER A 161 -5.43 -14.29 -8.54
N PHE A 162 -5.19 -14.62 -7.27
CA PHE A 162 -3.86 -14.79 -6.71
C PHE A 162 -3.53 -16.27 -6.77
N ASN A 163 -3.10 -16.71 -7.97
CA ASN A 163 -2.79 -18.12 -8.23
C ASN A 163 -3.93 -19.02 -7.75
N GLY A 164 -5.16 -18.61 -8.10
CA GLY A 164 -6.36 -19.38 -7.77
C GLY A 164 -6.97 -19.06 -6.43
N GLN A 165 -6.28 -18.31 -5.59
CA GLN A 165 -6.81 -17.84 -4.31
C GLN A 165 -7.37 -16.43 -4.45
N ALA A 166 -8.20 -16.06 -3.48
CA ALA A 166 -8.75 -14.70 -3.48
C ALA A 166 -7.67 -13.66 -3.33
N GLU A 167 -7.76 -12.60 -4.14
CA GLU A 167 -6.90 -11.44 -3.94
C GLU A 167 -7.40 -10.57 -2.78
N CYS A 168 -8.70 -10.59 -2.52
CA CYS A 168 -9.29 -9.68 -1.54
C CYS A 168 -9.67 -10.45 -0.28
N TYR A 169 -9.44 -9.84 0.88
CA TYR A 169 -9.80 -10.49 2.13
C TYR A 169 -10.30 -9.47 3.14
N TYR A 170 -10.91 -9.99 4.19
CA TYR A 170 -11.36 -9.17 5.32
C TYR A 170 -11.03 -9.92 6.60
N PHE A 171 -11.22 -9.26 7.74
CA PHE A 171 -11.03 -9.91 9.03
C PHE A 171 -12.40 -10.21 9.61
N ALA A 172 -12.75 -11.50 9.65
CA ALA A 172 -14.03 -11.91 10.21
C ALA A 172 -14.00 -11.72 11.72
N ASN A 173 -15.12 -11.24 12.26
CA ASN A 173 -15.27 -11.08 13.71
C ASN A 173 -14.15 -10.22 14.29
N ALA A 174 -13.94 -9.07 13.64
CA ALA A 174 -12.78 -8.23 13.95
C ALA A 174 -12.80 -7.67 15.35
N SER A 175 -13.94 -7.72 16.05
CA SER A 175 -14.04 -7.16 17.39
C SER A 175 -13.75 -8.19 18.49
N GLU A 176 -13.54 -9.45 18.14
CA GLU A 176 -13.33 -10.52 19.11
C GLU A 176 -11.99 -11.19 18.83
N PRO A 177 -10.95 -10.91 19.61
CA PRO A 177 -9.60 -11.38 19.25
C PRO A 177 -9.48 -12.89 19.19
N GLU A 178 -10.26 -13.63 19.97
CA GLU A 178 -10.21 -15.08 19.92
C GLU A 178 -10.92 -15.66 18.70
N ARG A 179 -11.70 -14.85 17.99
CA ARG A 179 -12.35 -15.26 16.75
C ARG A 179 -11.76 -14.62 15.51
N CYS A 180 -11.13 -13.46 15.65
CA CYS A 180 -10.76 -12.65 14.49
C CYS A 180 -9.81 -13.40 13.58
N GLN A 181 -10.16 -13.48 12.30
CA GLN A 181 -9.33 -14.23 11.36
C GLN A 181 -9.52 -13.72 9.94
N LYS A 182 -8.43 -13.74 9.18
CA LYS A 182 -8.46 -13.41 7.77
C LYS A 182 -9.36 -14.36 6.98
N MET A 183 -10.24 -13.82 6.14
CA MET A 183 -11.13 -14.63 5.30
C MET A 183 -11.28 -14.03 3.91
N PRO A 184 -11.47 -14.85 2.87
CA PRO A 184 -11.57 -14.30 1.51
C PRO A 184 -12.87 -13.54 1.28
N PHE A 185 -12.82 -12.57 0.37
CA PHE A 185 -13.96 -11.72 0.02
C PHE A 185 -14.09 -11.65 -1.50
N ASN A 186 -15.30 -11.90 -2.00
CA ASN A 186 -15.53 -11.91 -3.44
C ASN A 186 -15.78 -10.49 -3.96
N LEU A 187 -15.01 -10.10 -4.98
CA LEU A 187 -15.16 -8.81 -5.64
C LEU A 187 -15.55 -8.97 -7.11
N ASP A 188 -16.33 -10.00 -7.44
CA ASP A 188 -16.66 -10.26 -8.84
C ASP A 188 -17.48 -9.12 -9.44
N ASP A 189 -18.35 -8.50 -8.63
CA ASP A 189 -19.03 -7.27 -8.99
C ASP A 189 -18.53 -6.23 -8.00
N PRO A 190 -17.43 -5.54 -8.31
CA PRO A 190 -16.77 -4.68 -7.33
C PRO A 190 -17.29 -3.25 -7.24
N TYR A 191 -18.42 -2.94 -7.87
CA TYR A 191 -18.84 -1.56 -7.79
C TYR A 191 -20.12 -1.41 -6.99
N PRO A 192 -20.27 -0.32 -6.22
CA PRO A 192 -19.23 0.70 -6.06
C PRO A 192 -18.21 0.29 -5.02
N LEU A 193 -17.06 0.98 -4.99
CA LEU A 193 -15.97 0.63 -4.09
C LEU A 193 -15.30 1.92 -3.66
N LEU A 194 -15.02 2.06 -2.36
CA LEU A 194 -14.17 3.15 -1.88
C LEU A 194 -12.76 2.59 -1.70
N VAL A 195 -11.78 3.21 -2.37
CA VAL A 195 -10.39 2.76 -2.32
C VAL A 195 -9.60 3.79 -1.54
N VAL A 196 -8.92 3.35 -0.48
CA VAL A 196 -8.14 4.23 0.39
C VAL A 196 -6.67 3.87 0.18
N ASN A 197 -5.94 4.75 -0.51
CA ASN A 197 -4.56 4.48 -0.91
C ASN A 197 -3.67 5.16 0.12
N ILE A 198 -3.09 4.36 1.01
CA ILE A 198 -2.25 4.87 2.10
C ILE A 198 -0.80 4.76 1.66
N GLY A 199 -0.27 5.84 1.10
CA GLY A 199 1.14 5.91 0.76
C GLY A 199 1.87 6.85 1.70
N SER A 200 2.67 7.76 1.13
CA SER A 200 3.22 8.85 1.92
C SER A 200 2.11 9.64 2.59
N GLY A 201 1.10 10.01 1.81
CA GLY A 201 -0.14 10.59 2.32
C GLY A 201 -1.28 9.63 2.06
N VAL A 202 -2.51 10.13 1.94
CA VAL A 202 -3.66 9.26 1.70
C VAL A 202 -4.52 9.87 0.59
N SER A 203 -4.88 9.06 -0.40
CA SER A 203 -5.87 9.46 -1.38
C SER A 203 -7.09 8.56 -1.22
N ILE A 204 -8.28 9.13 -1.33
CA ILE A 204 -9.53 8.37 -1.22
C ILE A 204 -10.26 8.45 -2.54
N LEU A 205 -10.54 7.29 -3.13
CA LEU A 205 -11.16 7.19 -4.44
C LEU A 205 -12.53 6.55 -4.32
N ALA A 206 -13.46 7.01 -5.14
CA ALA A 206 -14.77 6.38 -5.28
C ALA A 206 -14.85 5.76 -6.66
N VAL A 207 -15.03 4.45 -6.72
CA VAL A 207 -15.02 3.72 -7.98
C VAL A 207 -16.45 3.25 -8.23
N HIS A 208 -17.07 3.79 -9.28
CA HIS A 208 -18.46 3.45 -9.62
C HIS A 208 -18.56 2.46 -10.76
N SER A 209 -17.58 2.44 -11.65
CA SER A 209 -17.52 1.48 -12.75
C SER A 209 -16.07 1.39 -13.20
N LYS A 210 -15.80 0.53 -14.19
CA LYS A 210 -14.45 0.38 -14.70
C LYS A 210 -13.92 1.66 -15.34
N ASP A 211 -14.81 2.57 -15.76
CA ASP A 211 -14.41 3.82 -16.38
C ASP A 211 -14.98 5.05 -15.68
N ASN A 212 -15.53 4.89 -14.48
CA ASN A 212 -16.16 6.00 -13.75
C ASN A 212 -15.64 5.98 -12.32
N TYR A 213 -14.63 6.79 -12.05
CA TYR A 213 -14.08 6.87 -10.71
C TYR A 213 -13.62 8.31 -10.49
N LYS A 214 -13.50 8.68 -9.22
CA LYS A 214 -13.14 10.03 -8.85
C LYS A 214 -12.28 9.97 -7.60
N ARG A 215 -11.44 11.00 -7.43
CA ARG A 215 -10.73 11.20 -6.17
C ARG A 215 -11.61 12.05 -5.26
N VAL A 216 -12.12 11.44 -4.19
CA VAL A 216 -13.05 12.14 -3.30
C VAL A 216 -12.32 13.24 -2.53
N THR A 217 -11.21 12.88 -1.91
CA THR A 217 -10.38 13.79 -1.13
C THR A 217 -9.11 13.06 -0.78
N GLY A 218 -8.33 13.63 0.14
CA GLY A 218 -7.16 12.97 0.66
C GLY A 218 -6.86 13.51 2.04
N THR A 219 -5.87 12.92 2.70
CA THR A 219 -5.37 13.47 3.95
C THR A 219 -3.86 13.42 3.91
N SER A 220 -3.24 14.36 4.62
CA SER A 220 -1.78 14.36 4.66
CA SER A 220 -1.79 14.43 4.72
C SER A 220 -1.24 13.54 5.82
N LEU A 221 -2.11 12.88 6.60
CA LEU A 221 -1.66 12.05 7.71
C LEU A 221 -1.63 10.61 7.21
N GLY A 222 -0.49 10.22 6.64
CA GLY A 222 -0.37 8.92 6.02
C GLY A 222 0.85 8.15 6.50
N GLY A 223 1.33 7.24 5.63
CA GLY A 223 2.46 6.41 6.01
C GLY A 223 3.71 7.20 6.29
N GLY A 224 3.91 8.32 5.59
CA GLY A 224 5.08 9.16 5.82
C GLY A 224 5.01 9.86 7.15
N THR A 225 3.79 10.18 7.60
CA THR A 225 3.60 10.75 8.94
C THR A 225 3.95 9.71 10.01
N PHE A 226 3.47 8.48 9.85
CA PHE A 226 3.85 7.44 10.78
C PHE A 226 5.37 7.31 10.86
N LEU A 227 6.03 7.14 9.72
CA LEU A 227 7.46 6.86 9.72
C LEU A 227 8.26 8.08 10.18
N GLY A 228 7.88 9.27 9.71
CA GLY A 228 8.63 10.47 10.09
C GLY A 228 8.46 10.81 11.55
N LEU A 229 7.23 10.79 12.06
CA LEU A 229 7.03 11.10 13.48
C LEU A 229 7.67 10.04 14.36
N CYS A 230 7.53 8.77 13.97
CA CYS A 230 8.12 7.71 14.76
C CYS A 230 9.64 7.87 14.83
N SER A 231 10.27 8.22 13.70
CA SER A 231 11.72 8.41 13.70
C SER A 231 12.12 9.58 14.59
N LEU A 232 11.34 10.67 14.57
CA LEU A 232 11.66 11.80 15.42
C LEU A 232 11.51 11.43 16.91
N LEU A 233 10.45 10.68 17.24
CA LEU A 233 10.11 10.41 18.63
C LEU A 233 10.92 9.28 19.23
N THR A 234 11.35 8.30 18.42
CA THR A 234 11.97 7.08 18.94
C THR A 234 13.38 6.83 18.41
N GLY A 235 13.80 7.50 17.34
CA GLY A 235 15.09 7.20 16.76
C GLY A 235 15.14 5.93 15.93
N CYS A 236 14.00 5.31 15.64
CA CYS A 236 14.00 4.16 14.75
C CYS A 236 14.55 4.55 13.39
N GLU A 237 15.13 3.59 12.69
CA GLU A 237 15.80 3.84 11.42
C GLU A 237 15.16 3.08 10.26
N SER A 238 14.01 2.44 10.47
CA SER A 238 13.33 1.76 9.38
C SER A 238 11.87 1.59 9.75
N PHE A 239 11.06 1.44 8.69
CA PHE A 239 9.64 1.12 8.86
C PHE A 239 9.47 -0.13 9.72
N GLU A 240 10.24 -1.18 9.42
CA GLU A 240 10.08 -2.43 10.16
C GLU A 240 10.44 -2.25 11.63
N GLU A 241 11.49 -1.48 11.92
CA GLU A 241 11.85 -1.20 13.30
C GLU A 241 10.74 -0.43 14.01
N ALA A 242 10.13 0.54 13.33
CA ALA A 242 9.03 1.30 13.92
C ALA A 242 7.87 0.37 14.30
N LEU A 243 7.53 -0.57 13.41
CA LEU A 243 6.47 -1.52 13.70
C LEU A 243 6.82 -2.44 14.85
N GLU A 244 8.09 -2.89 14.92
CA GLU A 244 8.51 -3.76 16.02
C GLU A 244 8.41 -3.03 17.35
N MET A 245 8.83 -1.76 17.38
CA MET A 245 8.67 -0.95 18.60
C MET A 245 7.19 -0.83 18.96
N ALA A 246 6.35 -0.50 17.96
CA ALA A 246 4.93 -0.32 18.20
C ALA A 246 4.29 -1.58 18.74
N SER A 247 4.76 -2.76 18.29
CA SER A 247 4.20 -4.01 18.76
C SER A 247 4.39 -4.21 20.25
N LYS A 248 5.37 -3.56 20.86
CA LYS A 248 5.69 -3.74 22.27
C LYS A 248 5.13 -2.63 23.15
N GLY A 249 4.52 -1.60 22.56
CA GLY A 249 4.16 -0.41 23.28
C GLY A 249 2.72 -0.40 23.76
N ASP A 250 2.41 0.60 24.57
CA ASP A 250 1.07 0.82 25.11
C ASP A 250 0.72 2.27 24.75
N SER A 251 -0.12 2.43 23.75
CA SER A 251 -0.46 3.78 23.28
C SER A 251 -1.18 4.60 24.34
N THR A 252 -1.81 3.94 25.31
CA THR A 252 -2.56 4.68 26.33
C THR A 252 -1.65 5.40 27.31
N GLN A 253 -0.34 5.09 27.31
CA GLN A 253 0.60 5.87 28.09
C GLN A 253 0.78 7.27 27.53
N ALA A 254 0.55 7.46 26.22
CA ALA A 254 0.69 8.77 25.58
C ALA A 254 -0.64 9.43 25.30
N ASP A 255 -1.65 8.65 24.96
CA ASP A 255 -2.96 9.17 24.58
C ASP A 255 -3.81 9.44 25.81
N LYS A 256 -4.67 10.48 25.72
CA LYS A 256 -5.68 10.75 26.72
C LYS A 256 -6.99 10.12 26.24
N LEU A 257 -7.56 9.24 27.07
CA LEU A 257 -8.77 8.51 26.71
C LEU A 257 -10.01 9.23 27.24
N VAL A 258 -11.17 8.83 26.70
CA VAL A 258 -12.43 9.36 27.23
C VAL A 258 -12.52 9.16 28.74
N ARG A 259 -12.11 7.98 29.22
CA ARG A 259 -12.23 7.73 30.66
C ARG A 259 -11.26 8.60 31.48
N ASP A 260 -10.20 9.12 30.87
CA ASP A 260 -9.32 10.06 31.56
C ASP A 260 -9.98 11.41 31.79
N ILE A 261 -11.00 11.74 31.01
CA ILE A 261 -11.66 13.03 31.09
C ILE A 261 -12.98 12.94 31.85
N TYR A 262 -13.75 11.87 31.60
CA TYR A 262 -15.06 11.64 32.18
C TYR A 262 -15.03 10.70 33.37
N GLY A 263 -13.95 9.95 33.57
CA GLY A 263 -13.95 8.91 34.59
C GLY A 263 -14.61 7.62 34.15
N GLY A 264 -15.02 7.53 32.90
CA GLY A 264 -15.77 6.37 32.41
C GLY A 264 -16.25 6.64 31.01
N ASP A 265 -17.32 5.96 30.63
CA ASP A 265 -17.94 6.23 29.34
C ASP A 265 -18.57 7.62 29.32
N TYR A 266 -18.69 8.20 28.12
CA TYR A 266 -19.54 9.38 27.90
C TYR A 266 -20.83 8.80 27.31
N GLU A 267 -21.76 8.46 28.19
CA GLU A 267 -22.90 7.64 27.79
C GLU A 267 -23.80 8.37 26.81
N ARG A 268 -24.00 9.67 27.02
CA ARG A 268 -24.95 10.44 26.22
C ARG A 268 -24.68 10.29 24.73
N PHE A 269 -23.41 10.26 24.32
CA PHE A 269 -23.08 10.14 22.91
C PHE A 269 -22.43 8.81 22.56
N GLY A 270 -22.62 7.79 23.39
CA GLY A 270 -22.13 6.47 23.07
C GLY A 270 -20.64 6.38 22.89
N LEU A 271 -19.87 7.18 23.64
CA LEU A 271 -18.43 7.11 23.54
C LEU A 271 -17.88 6.22 24.63
N PRO A 272 -17.23 5.11 24.32
CA PRO A 272 -16.73 4.24 25.38
C PRO A 272 -15.51 4.87 26.05
N GLY A 273 -15.30 4.50 27.31
CA GLY A 273 -14.19 5.06 28.06
C GLY A 273 -12.83 4.79 27.43
N TRP A 274 -12.73 3.69 26.67
CA TRP A 274 -11.46 3.34 26.05
C TRP A 274 -11.15 4.11 24.79
N ALA A 275 -12.12 4.84 24.23
CA ALA A 275 -11.86 5.60 23.02
C ALA A 275 -10.84 6.70 23.29
N VAL A 276 -10.00 6.97 22.29
CA VAL A 276 -9.02 8.05 22.41
C VAL A 276 -9.73 9.38 22.24
N ALA A 277 -9.65 10.23 23.29
CA ALA A 277 -10.16 11.58 23.20
C ALA A 277 -9.13 12.53 22.59
N SER A 278 -7.86 12.37 22.95
CA SER A 278 -6.82 13.28 22.48
C SER A 278 -5.56 12.47 22.25
N SER A 279 -5.19 12.30 20.99
CA SER A 279 -3.95 11.59 20.65
C SER A 279 -2.76 12.36 21.19
N PHE A 280 -1.83 11.66 21.86
CA PHE A 280 -0.69 12.26 22.55
C PHE A 280 -1.11 13.25 23.63
N GLY A 281 -2.38 13.23 24.04
CA GLY A 281 -2.87 14.25 24.94
C GLY A 281 -2.35 14.13 26.37
N ASN A 282 -1.86 12.96 26.76
CA ASN A 282 -1.25 12.87 28.08
C ASN A 282 0.19 13.36 28.07
N MET A 283 0.72 13.72 26.91
CA MET A 283 2.07 14.25 26.81
C MET A 283 2.13 15.75 27.10
N ILE A 284 1.02 16.39 27.48
CA ILE A 284 1.12 17.76 27.98
C ILE A 284 1.66 17.83 29.39
N TYR A 285 1.77 16.69 30.06
CA TYR A 285 2.27 16.62 31.44
C TYR A 285 3.73 16.20 31.43
N LYS A 286 4.60 17.02 32.03
CA LYS A 286 6.03 16.76 31.94
C LYS A 286 6.39 15.41 32.55
N GLU A 287 5.77 15.06 33.67
CA GLU A 287 6.11 13.79 34.31
C GLU A 287 5.69 12.60 33.45
N LYS A 288 4.62 12.75 32.66
CA LYS A 288 4.26 11.66 31.78
C LYS A 288 5.22 11.55 30.60
N ARG A 289 5.71 12.68 30.10
CA ARG A 289 6.71 12.65 29.04
C ARG A 289 8.00 11.99 29.51
N GLU A 290 8.31 12.10 30.79
CA GLU A 290 9.53 11.53 31.33
C GLU A 290 9.41 10.03 31.61
N SER A 291 8.20 9.49 31.64
CA SER A 291 8.01 8.07 31.93
C SER A 291 7.65 7.25 30.70
N VAL A 292 7.23 7.90 29.61
CA VAL A 292 6.78 7.18 28.43
C VAL A 292 7.97 6.54 27.73
N SER A 293 7.77 5.33 27.20
CA SER A 293 8.84 4.63 26.50
C SER A 293 8.77 4.92 25.00
N LYS A 294 9.88 4.66 24.31
CA LYS A 294 9.89 4.77 22.85
C LYS A 294 8.84 3.86 22.23
N GLU A 295 8.70 2.65 22.77
CA GLU A 295 7.71 1.72 22.25
C GLU A 295 6.29 2.26 22.40
N ASP A 296 5.98 2.84 23.57
CA ASP A 296 4.69 3.50 23.75
C ASP A 296 4.46 4.59 22.71
N LEU A 297 5.49 5.40 22.45
CA LEU A 297 5.34 6.48 21.47
C LEU A 297 5.17 5.94 20.06
N ALA A 298 5.89 4.88 19.73
CA ALA A 298 5.71 4.26 18.41
C ALA A 298 4.29 3.74 18.26
N ARG A 299 3.76 3.09 19.29
CA ARG A 299 2.40 2.56 19.19
C ARG A 299 1.37 3.69 19.14
N ALA A 300 1.58 4.76 19.91
CA ALA A 300 0.66 5.89 19.84
C ALA A 300 0.69 6.53 18.46
N THR A 301 1.87 6.62 17.84
CA THR A 301 1.93 7.17 16.49
C THR A 301 1.15 6.28 15.52
N LEU A 302 1.34 4.96 15.61
CA LEU A 302 0.62 4.06 14.72
C LEU A 302 -0.88 4.17 14.91
N VAL A 303 -1.34 4.15 16.18
CA VAL A 303 -2.78 4.22 16.48
C VAL A 303 -3.37 5.54 16.00
N THR A 304 -2.68 6.65 16.26
CA THR A 304 -3.15 7.97 15.85
C THR A 304 -3.38 8.03 14.34
N ILE A 305 -2.38 7.61 13.56
CA ILE A 305 -2.47 7.67 12.11
C ILE A 305 -3.55 6.72 11.60
N THR A 306 -3.57 5.50 12.13
CA THR A 306 -4.51 4.48 11.64
C THR A 306 -5.96 4.87 11.94
N ASN A 307 -6.24 5.32 13.16
CA ASN A 307 -7.59 5.75 13.49
C ASN A 307 -8.02 6.94 12.63
N ASN A 308 -7.11 7.88 12.35
CA ASN A 308 -7.50 9.04 11.54
C ASN A 308 -7.84 8.59 10.12
N ILE A 309 -7.05 7.66 9.57
CA ILE A 309 -7.34 7.16 8.23
C ILE A 309 -8.70 6.48 8.20
N GLY A 310 -8.98 5.63 9.20
CA GLY A 310 -10.27 4.96 9.22
C GLY A 310 -11.43 5.91 9.36
N SER A 311 -11.26 6.93 10.20
CA SER A 311 -12.32 7.91 10.41
C SER A 311 -12.60 8.70 9.13
N VAL A 312 -11.55 9.15 8.44
CA VAL A 312 -11.75 9.85 7.18
C VAL A 312 -12.39 8.91 6.15
N ALA A 313 -11.95 7.65 6.11
CA ALA A 313 -12.59 6.69 5.20
C ALA A 313 -14.06 6.52 5.54
N ARG A 314 -14.38 6.44 6.83
CA ARG A 314 -15.77 6.29 7.24
C ARG A 314 -16.61 7.48 6.77
N MET A 315 -16.13 8.71 7.02
CA MET A 315 -16.89 9.87 6.58
C MET A 315 -17.06 9.91 5.06
N CYS A 316 -16.02 9.53 4.30
CA CYS A 316 -16.15 9.54 2.84
C CYS A 316 -17.12 8.46 2.36
N ALA A 317 -17.08 7.29 2.98
CA ALA A 317 -18.00 6.22 2.60
C ALA A 317 -19.45 6.63 2.86
N VAL A 318 -19.70 7.29 3.99
CA VAL A 318 -21.06 7.73 4.28
C VAL A 318 -21.51 8.74 3.24
N ASN A 319 -20.64 9.69 2.90
CA ASN A 319 -21.03 10.71 1.91
C ASN A 319 -21.18 10.12 0.51
N GLU A 320 -20.32 9.17 0.14
CA GLU A 320 -20.41 8.55 -1.18
C GLU A 320 -21.45 7.45 -1.25
N LYS A 321 -22.01 7.04 -0.11
CA LYS A 321 -23.03 6.01 -0.06
C LYS A 321 -22.46 4.68 -0.55
N ILE A 322 -21.27 4.38 -0.06
CA ILE A 322 -20.54 3.17 -0.42
C ILE A 322 -20.25 2.42 0.88
N ASN A 323 -20.51 1.12 0.90
CA ASN A 323 -20.32 0.38 2.15
C ASN A 323 -19.11 -0.54 2.15
N ARG A 324 -18.41 -0.70 1.03
CA ARG A 324 -17.21 -1.52 0.96
C ARG A 324 -16.00 -0.60 0.82
N VAL A 325 -15.05 -0.71 1.75
CA VAL A 325 -13.89 0.18 1.82
C VAL A 325 -12.64 -0.68 1.72
N VAL A 326 -11.87 -0.55 0.65
CA VAL A 326 -10.66 -1.34 0.48
C VAL A 326 -9.44 -0.45 0.72
N PHE A 327 -8.50 -0.95 1.53
CA PHE A 327 -7.32 -0.21 1.92
C PHE A 327 -6.12 -0.79 1.17
N VAL A 328 -5.36 0.08 0.50
CA VAL A 328 -4.18 -0.33 -0.25
C VAL A 328 -3.03 0.61 0.12
N GLY A 329 -1.87 0.37 -0.48
CA GLY A 329 -0.67 1.13 -0.22
C GLY A 329 0.25 0.43 0.78
N ASN A 330 1.49 0.86 0.80
CA ASN A 330 2.46 0.08 1.57
C ASN A 330 2.53 0.45 3.05
N PHE A 331 1.76 1.42 3.51
CA PHE A 331 1.64 1.60 4.96
C PHE A 331 1.21 0.30 5.63
N LEU A 332 0.44 -0.53 4.94
CA LEU A 332 -0.08 -1.74 5.55
C LEU A 332 0.76 -2.99 5.28
N ARG A 333 1.84 -2.89 4.51
CA ARG A 333 2.65 -4.09 4.30
C ARG A 333 3.31 -4.49 5.61
N VAL A 334 3.36 -5.81 5.84
CA VAL A 334 3.79 -6.46 7.08
C VAL A 334 3.29 -5.72 8.32
N ASN A 335 2.06 -5.19 8.26
CA ASN A 335 1.52 -4.31 9.30
C ASN A 335 0.14 -4.83 9.71
N THR A 336 0.12 -6.00 10.37
CA THR A 336 -1.14 -6.58 10.79
CA THR A 336 -1.14 -6.58 10.81
C THR A 336 -1.82 -5.73 11.87
N LEU A 337 -1.03 -5.04 12.71
CA LEU A 337 -1.60 -4.18 13.75
C LEU A 337 -2.54 -3.14 13.15
N SER A 338 -2.05 -2.38 12.15
CA SER A 338 -2.90 -1.38 11.54
C SER A 338 -4.07 -2.00 10.79
N MET A 339 -3.86 -3.14 10.13
CA MET A 339 -4.97 -3.76 9.41
C MET A 339 -6.07 -4.17 10.38
N LYS A 340 -5.69 -4.77 11.50
CA LYS A 340 -6.70 -5.23 12.45
C LYS A 340 -7.34 -4.05 13.17
N LEU A 341 -6.58 -2.99 13.40
CA LEU A 341 -7.17 -1.79 13.98
C LEU A 341 -8.19 -1.18 13.02
N LEU A 342 -7.85 -1.10 11.73
CA LEU A 342 -8.81 -0.61 10.74
C LEU A 342 -10.05 -1.49 10.69
N ALA A 343 -9.87 -2.81 10.64
CA ALA A 343 -11.00 -3.72 10.57
C ALA A 343 -11.93 -3.54 11.77
N TYR A 344 -11.35 -3.45 12.96
CA TYR A 344 -12.17 -3.28 14.16
C TYR A 344 -12.82 -1.91 14.20
N ALA A 345 -12.03 -0.88 13.93
CA ALA A 345 -12.52 0.49 14.11
C ALA A 345 -13.60 0.83 13.09
N LEU A 346 -13.40 0.42 11.84
CA LEU A 346 -14.40 0.71 10.82
C LEU A 346 -15.72 0.03 11.14
N ASP A 347 -15.67 -1.24 11.55
CA ASP A 347 -16.88 -1.95 11.96
C ASP A 347 -17.51 -1.31 13.18
N TYR A 348 -16.70 -0.99 14.20
CA TYR A 348 -17.25 -0.48 15.46
C TYR A 348 -17.91 0.88 15.27
N TRP A 349 -17.16 1.83 14.72
CA TRP A 349 -17.67 3.19 14.63
C TRP A 349 -18.73 3.34 13.56
N SER A 350 -18.82 2.41 12.61
CA SER A 350 -19.90 2.37 11.63
C SER A 350 -21.12 1.59 12.12
N LYS A 351 -21.09 1.09 13.34
CA LYS A 351 -22.14 0.21 13.86
C LYS A 351 -22.41 -0.93 12.87
N GLY A 352 -21.35 -1.44 12.26
CA GLY A 352 -21.45 -2.58 11.38
C GLY A 352 -21.90 -2.29 9.97
N GLN A 353 -22.00 -1.02 9.59
CA GLN A 353 -22.48 -0.64 8.27
C GLN A 353 -21.41 -0.65 7.20
N LEU A 354 -20.14 -0.54 7.59
CA LEU A 354 -19.02 -0.54 6.66
C LEU A 354 -18.13 -1.75 6.93
N LYS A 355 -17.51 -2.25 5.87
CA LYS A 355 -16.61 -3.40 5.95
C LYS A 355 -15.23 -3.00 5.45
N ALA A 356 -14.20 -3.25 6.24
CA ALA A 356 -12.83 -3.03 5.81
C ALA A 356 -12.32 -4.22 4.99
N LEU A 357 -11.81 -3.92 3.80
CA LEU A 357 -11.28 -4.92 2.88
C LEU A 357 -9.82 -4.66 2.62
N PHE A 358 -9.07 -5.73 2.35
CA PHE A 358 -7.63 -5.64 2.13
C PHE A 358 -7.28 -6.49 0.92
N LEU A 359 -6.14 -6.19 0.30
CA LEU A 359 -5.74 -6.91 -0.91
C LEU A 359 -4.30 -7.42 -0.77
N GLU A 360 -4.06 -8.64 -1.28
CA GLU A 360 -2.74 -9.22 -1.10
C GLU A 360 -1.65 -8.44 -1.83
N HIS A 361 -1.97 -7.81 -2.96
CA HIS A 361 -0.97 -7.09 -3.74
C HIS A 361 -1.05 -5.59 -3.52
N GLU A 362 -1.35 -5.19 -2.28
CA GLU A 362 -1.85 -3.83 -2.00
C GLU A 362 -0.90 -2.71 -2.44
N GLY A 363 0.41 -2.94 -2.45
CA GLY A 363 1.27 -1.83 -2.83
C GLY A 363 1.57 -1.69 -4.31
N TYR A 364 1.16 -2.65 -5.13
CA TYR A 364 1.67 -2.79 -6.48
C TYR A 364 0.67 -2.46 -7.58
N PHE A 365 -0.55 -2.00 -7.24
CA PHE A 365 -1.58 -1.90 -8.27
C PHE A 365 -1.24 -0.84 -9.31
N GLY A 366 -0.67 0.29 -8.90
CA GLY A 366 -0.27 1.29 -9.88
C GLY A 366 0.74 0.75 -10.88
N ALA A 367 1.74 0.02 -10.39
CA ALA A 367 2.75 -0.55 -11.28
C ALA A 367 2.13 -1.55 -12.26
N VAL A 368 1.17 -2.36 -11.81
CA VAL A 368 0.48 -3.28 -12.71
C VAL A 368 -0.34 -2.50 -13.73
N GLY A 369 -1.09 -1.49 -13.28
CA GLY A 369 -1.88 -0.69 -14.20
C GLY A 369 -1.04 -0.01 -15.26
N ALA A 370 0.15 0.44 -14.88
CA ALA A 370 1.08 1.00 -15.86
C ALA A 370 1.49 -0.04 -16.89
N LEU A 371 1.86 -1.24 -16.42
CA LEU A 371 2.21 -2.32 -17.34
C LEU A 371 1.06 -2.60 -18.30
N LEU A 372 -0.17 -2.51 -17.81
CA LEU A 372 -1.31 -2.81 -18.66
C LEU A 372 -1.53 -1.74 -19.73
N GLY A 373 -0.90 -0.57 -19.60
CA GLY A 373 -0.97 0.46 -20.64
C GLY A 373 -0.08 0.22 -21.83
N LEU A 374 0.80 -0.77 -21.75
CA LEU A 374 1.75 -1.04 -22.82
C LEU A 374 1.11 -1.18 -24.21
N PRO A 375 -0.01 -1.89 -24.40
CA PRO A 375 -0.57 -2.04 -25.75
C PRO A 375 -0.99 -0.73 -26.40
N ASN A 376 -1.24 0.34 -25.63
CA ASN A 376 -1.63 1.60 -26.23
C ASN A 376 -0.46 2.32 -26.90
N PHE A 377 0.75 1.81 -26.78
CA PHE A 377 1.92 2.45 -27.38
C PHE A 377 2.67 1.48 -28.28
C01 Y88 B . 0.74 12.35 -3.56
C02 Y88 B . -0.77 12.11 -3.48
C03 Y88 B . -1.44 12.21 -4.85
C04 Y88 B . -1.43 13.01 -2.44
C05 Y88 B . -1.53 14.39 -2.63
C06 Y88 B . -2.13 15.18 -1.66
C07 Y88 B . -2.64 14.61 -0.52
C08 Y88 B . -3.31 15.46 0.55
C09 Y88 B . -4.69 15.88 0.08
C11 Y88 B . -6.56 17.47 0.29
C12 Y88 B . -7.45 17.88 1.43
C14 Y88 B . -7.47 19.73 3.13
C17 Y88 B . -8.96 21.48 4.52
C18 Y88 B . -9.85 22.45 5.28
C20 Y88 B . -7.58 21.49 4.72
C21 Y88 B . -6.78 20.57 4.00
C22 Y88 B . -5.50 18.16 2.87
C23 Y88 B . -4.61 17.73 1.72
C25 Y88 B . -2.56 13.24 -0.32
C26 Y88 B . -1.95 12.45 -1.28
F21 Y88 B . 1.29 12.19 -2.33
F22 Y88 B . 1.31 11.48 -4.42
F23 Y88 B . 0.99 13.61 -4.03
N10 Y88 B . -5.28 17.03 0.69
N13 Y88 B . -6.73 18.80 2.35
N15 Y88 B . -8.77 19.79 2.98
N16 Y88 B . -9.50 20.65 3.68
N19 Y88 B . -10.49 23.18 5.85
O24 Y88 B . -5.29 15.34 -0.77
C01 Y99 C . -1.29 12.21 -4.59
C02 Y99 C . -0.61 12.12 -3.23
C03 Y99 C . 0.87 12.47 -3.32
C04 Y99 C . -1.33 13.01 -2.22
C05 Y99 C . -1.40 14.38 -2.43
C06 Y99 C . -2.06 15.18 -1.51
C07 Y99 C . -2.61 14.60 -0.39
C08 Y99 C . -3.34 15.45 0.63
C09 Y99 C . -4.70 15.88 0.09
C11 Y99 C . -6.57 17.49 0.26
C12 Y99 C . -7.48 17.91 1.40
C14 Y99 C . -7.50 19.76 3.14
C17 Y99 C . -8.97 21.52 4.54
C18 Y99 C . -9.85 22.50 5.30
C20 Y99 C . -7.59 21.51 4.74
C21 Y99 C . -6.80 20.59 4.01
C22 Y99 C . -5.54 18.14 2.87
C23 Y99 C . -4.65 17.73 1.72
C25 Y99 C . -2.54 13.23 -0.18
C26 Y99 C . -1.89 12.44 -1.10
F21 Y99 C . -1.01 13.42 -5.14
F22 Y99 C . -0.79 11.23 -5.39
F23 Y99 C . -2.64 12.06 -4.47
N10 Y99 C . -5.31 17.04 0.68
N13 Y99 C . -6.77 18.81 2.35
N15 Y99 C . -8.79 19.83 2.99
N16 Y99 C . -9.51 20.69 3.69
N19 Y99 C . -10.49 23.22 5.88
O24 Y99 C . -5.26 15.30 -0.78
PG ANP D . 2.88 8.43 -2.77
O1G ANP D . 2.21 9.36 -1.77
O2G ANP D . 3.67 9.29 -3.78
O3G ANP D . 1.77 7.57 -3.48
PB ANP D . 4.41 5.98 -2.24
O1B ANP D . 3.72 5.50 -3.49
O2B ANP D . 5.93 5.82 -2.26
N3B ANP D . 3.96 7.52 -1.82
PA ANP D . 3.64 3.55 -0.81
O1A ANP D . 4.75 2.80 -1.45
O2A ANP D . 2.24 3.10 -1.19
O3A ANP D . 3.79 5.14 -1.07
O5' ANP D . 3.77 3.46 0.76
C5' ANP D . 4.81 4.18 1.46
C4' ANP D . 4.66 3.90 2.94
O4' ANP D . 4.81 2.50 3.19
C3' ANP D . 5.69 4.57 3.83
O3' ANP D . 5.20 5.87 4.18
C2' ANP D . 5.76 3.64 5.04
O2' ANP D . 4.75 3.94 6.01
C1' ANP D . 5.44 2.28 4.43
N9 ANP D . 6.57 1.38 4.20
C8 ANP D . 6.46 0.00 4.13
N7 ANP D . 7.59 -0.60 3.85
C5 ANP D . 8.49 0.43 3.68
C6 ANP D . 9.87 0.45 3.39
N6 ANP D . 10.60 -0.65 3.18
N1 ANP D . 10.48 1.66 3.32
C2 ANP D . 9.75 2.76 3.53
N3 ANP D . 8.46 2.86 3.83
C4 ANP D . 7.88 1.66 3.90
MG MG E . 1.86 5.75 -4.37
#